data_2IVI
#
_entry.id   2IVI
#
_cell.length_a   46.638
_cell.length_b   71.050
_cell.length_c   100.746
_cell.angle_alpha   90.00
_cell.angle_beta   90.00
_cell.angle_gamma   90.00
#
_symmetry.space_group_name_H-M   'P 21 21 21'
#
loop_
_entity.id
_entity.type
_entity.pdbx_description
1 polymer 'ISOPENICILLIN N SYNTHETASE'
2 non-polymer D-(L-A-AMINOADIPOYL)-L-CYSTEINYL-B-METHYL-D-CYCLOPROPYLGLYCINE
3 non-polymer 'SULFATE ION'
4 non-polymer 'FE (II) ION'
5 water water
#
_entity_poly.entity_id   1
_entity_poly.type   'polypeptide(L)'
_entity_poly.pdbx_seq_one_letter_code
;MGSVSKANVPKIDVSPLFGDDQAAKMRVAQQIDAASRDTGFFYAVNHGINVQRLSQKTKEFHMSITPEEKWDLAIRAYNK
EHQDQVRAGYYLSIPGKKAVESFCYLNPNFTPDHPRIQAKTPTHEVNVWPDETKHPGFQDFAEQYYWDVFGLSSALLKGY
ALALGKEENFFARHFKPDDTLASVVLIRYPYLDPYPEAAIKTAADGTKLSFEWHEDVSLITVLYQSNVQNLQVETAAGYQ
DIEADDTGYLINCGSYMAHLTNNYYKAPIHRVKWVNAERQSLPFFVNLGYDSVIDPFDPREPNGKSDREPLSYGDYLQNG
LVSLINKNGQT
;
_entity_poly.pdbx_strand_id   B
#
# COMPACT_ATOMS: atom_id res chain seq x y z
N SER A 3 -3.73 -4.83 28.76
CA SER A 3 -4.17 -5.06 27.36
C SER A 3 -4.04 -3.80 26.54
N VAL A 4 -4.12 -3.98 25.23
CA VAL A 4 -4.15 -2.90 24.29
C VAL A 4 -5.61 -2.71 23.84
N SER A 5 -6.07 -1.46 23.76
CA SER A 5 -7.43 -1.17 23.30
C SER A 5 -7.59 -1.39 21.80
N LYS A 6 -8.80 -1.72 21.38
CA LYS A 6 -9.14 -1.88 19.96
C LYS A 6 -9.33 -0.52 19.32
N ALA A 7 -8.67 -0.31 18.20
CA ALA A 7 -8.85 0.90 17.41
C ALA A 7 -10.22 0.96 16.76
N ASN A 8 -10.80 2.15 16.69
CA ASN A 8 -12.03 2.36 15.94
C ASN A 8 -11.70 2.32 14.45
N VAL A 9 -12.10 1.25 13.79
CA VAL A 9 -11.89 1.08 12.37
C VAL A 9 -13.23 0.67 11.76
N PRO A 10 -14.01 1.66 11.33
CA PRO A 10 -15.33 1.35 10.82
C PRO A 10 -15.31 0.60 9.51
N LYS A 11 -16.37 -0.14 9.27
CA LYS A 11 -16.58 -0.81 8.01
C LYS A 11 -17.50 0.08 7.18
N ILE A 12 -17.01 0.52 6.02
CA ILE A 12 -17.74 1.41 5.13
C ILE A 12 -18.07 0.69 3.84
N ASP A 13 -19.36 0.61 3.53
CA ASP A 13 -19.83 0.06 2.27
C ASP A 13 -19.52 1.08 1.19
N VAL A 14 -18.52 0.76 0.36
CA VAL A 14 -18.04 1.69 -0.65
C VAL A 14 -18.73 1.47 -2.00
N SER A 15 -19.69 0.54 -2.07
CA SER A 15 -20.31 0.24 -3.35
C SER A 15 -20.95 1.45 -4.07
N PRO A 16 -21.52 2.43 -3.33
CA PRO A 16 -22.05 3.58 -4.07
C PRO A 16 -20.99 4.37 -4.87
N LEU A 17 -19.72 4.26 -4.49
CA LEU A 17 -18.67 4.98 -5.22
C LEU A 17 -18.44 4.46 -6.62
N PHE A 18 -18.98 3.27 -6.93
CA PHE A 18 -18.92 2.74 -8.29
C PHE A 18 -20.09 3.18 -9.17
N GLY A 19 -21.07 3.86 -8.59
CA GLY A 19 -22.33 4.17 -9.29
C GLY A 19 -22.57 5.65 -9.49
N ASP A 20 -23.83 5.99 -9.74
CA ASP A 20 -24.24 7.34 -10.14
C ASP A 20 -25.27 7.98 -9.20
N ASP A 21 -25.38 7.47 -7.97
CA ASP A 21 -26.26 8.05 -6.96
C ASP A 21 -25.41 9.04 -6.17
N GLN A 22 -25.47 10.30 -6.55
CA GLN A 22 -24.56 11.30 -5.99
C GLN A 22 -24.77 11.51 -4.50
N ALA A 23 -26.03 11.48 -4.07
CA ALA A 23 -26.34 11.62 -2.65
C ALA A 23 -25.74 10.48 -1.84
N ALA A 24 -25.88 9.25 -2.35
CA ALA A 24 -25.34 8.08 -1.68
C ALA A 24 -23.82 8.18 -1.60
N LYS A 25 -23.21 8.68 -2.66
CA LYS A 25 -21.77 8.88 -2.65
C LYS A 25 -21.35 9.90 -1.60
N MET A 26 -22.12 10.97 -1.42
CA MET A 26 -21.82 11.93 -0.35
C MET A 26 -21.89 11.29 1.03
N ARG A 27 -22.88 10.42 1.26
CA ARG A 27 -22.96 9.74 2.54
C ARG A 27 -21.78 8.80 2.79
N VAL A 28 -21.25 8.19 1.73
CA VAL A 28 -19.99 7.43 1.86
C VAL A 28 -18.82 8.37 2.16
N ALA A 29 -18.76 9.49 1.43
CA ALA A 29 -17.70 10.47 1.66
C ALA A 29 -17.67 10.95 3.11
N GLN A 30 -18.84 11.16 3.71
CA GLN A 30 -18.89 11.57 5.11
C GLN A 30 -18.25 10.53 6.01
N GLN A 31 -18.50 9.26 5.71
CA GLN A 31 -17.93 8.18 6.53
C GLN A 31 -16.40 8.16 6.38
N ILE A 32 -15.92 8.38 5.16
CA ILE A 32 -14.49 8.46 4.91
C ILE A 32 -13.88 9.64 5.67
N ASP A 33 -14.56 10.77 5.63
CA ASP A 33 -14.12 11.97 6.35
C ASP A 33 -14.01 11.67 7.85
N ALA A 34 -15.05 11.06 8.42
CA ALA A 34 -15.04 10.77 9.84
C ALA A 34 -13.89 9.83 10.20
N ALA A 35 -13.68 8.78 9.40
CA ALA A 35 -12.61 7.82 9.71
C ALA A 35 -11.24 8.48 9.57
N SER A 36 -11.11 9.33 8.55
CA SER A 36 -9.83 9.97 8.27
C SER A 36 -9.45 10.98 9.36
N ARG A 37 -10.46 11.57 10.00
CA ARG A 37 -10.25 12.54 11.09
C ARG A 37 -10.10 11.86 12.45
N ASP A 38 -10.45 10.58 12.53
CA ASP A 38 -10.37 9.83 13.81
C ASP A 38 -9.06 9.02 13.78
N THR A 39 -9.12 7.68 13.68
CA THR A 39 -7.89 6.90 13.75
C THR A 39 -7.11 6.90 12.45
N GLY A 40 -7.79 7.23 11.36
CA GLY A 40 -7.16 7.25 10.04
C GLY A 40 -7.26 5.93 9.28
N PHE A 41 -8.01 4.99 9.81
CA PHE A 41 -8.22 3.70 9.15
C PHE A 41 -9.71 3.39 9.03
N PHE A 42 -10.05 2.72 7.94
CA PHE A 42 -11.36 2.10 7.79
C PHE A 42 -11.24 0.85 6.94
N TYR A 43 -12.22 -0.04 7.06
CA TYR A 43 -12.33 -1.17 6.14
C TYR A 43 -13.34 -0.84 5.06
N ALA A 44 -12.90 -0.93 3.80
CA ALA A 44 -13.79 -0.86 2.67
C ALA A 44 -14.42 -2.25 2.50
N VAL A 45 -15.76 -2.29 2.51
CA VAL A 45 -16.51 -3.52 2.29
C VAL A 45 -17.44 -3.33 1.08
N ASN A 46 -17.92 -4.44 0.54
CA ASN A 46 -18.70 -4.44 -0.70
C ASN A 46 -17.91 -3.79 -1.82
N HIS A 47 -16.63 -4.17 -1.87
CA HIS A 47 -15.67 -3.62 -2.81
C HIS A 47 -15.61 -4.33 -4.15
N GLY A 48 -16.22 -5.52 -4.22
CA GLY A 48 -16.32 -6.27 -5.47
C GLY A 48 -15.13 -7.11 -5.89
N ILE A 49 -14.05 -7.09 -5.12
CA ILE A 49 -12.88 -7.88 -5.47
C ILE A 49 -12.91 -9.27 -4.82
N ASN A 50 -12.51 -10.27 -5.59
CA ASN A 50 -12.45 -11.64 -5.08
C ASN A 50 -11.13 -11.82 -4.32
N VAL A 51 -11.19 -11.51 -3.03
CA VAL A 51 -9.99 -11.55 -2.20
C VAL A 51 -9.60 -12.98 -1.83
N GLN A 52 -10.56 -13.90 -1.75
CA GLN A 52 -10.20 -15.28 -1.48
C GLN A 52 -9.34 -15.85 -2.61
N ARG A 53 -9.67 -15.51 -3.84
CA ARG A 53 -8.91 -16.00 -4.98
C ARG A 53 -7.55 -15.30 -5.03
N LEU A 54 -7.50 -14.01 -4.72
CA LEU A 54 -6.21 -13.32 -4.55
C LEU A 54 -5.32 -14.06 -3.58
N SER A 55 -5.88 -14.38 -2.42
CA SER A 55 -5.09 -15.07 -1.39
C SER A 55 -4.63 -16.44 -1.86
N GLN A 56 -5.50 -17.17 -2.53
CA GLN A 56 -5.16 -18.50 -3.02
C GLN A 56 -4.04 -18.45 -4.07
N LYS A 57 -4.18 -17.56 -5.04
CA LYS A 57 -3.18 -17.46 -6.09
C LYS A 57 -1.84 -17.01 -5.53
N THR A 58 -1.89 -16.09 -4.57
CA THR A 58 -0.68 -15.60 -3.93
C THR A 58 0.01 -16.69 -3.13
N LYS A 59 -0.78 -17.48 -2.40
CA LYS A 59 -0.22 -18.62 -1.66
C LYS A 59 0.46 -19.62 -2.59
N GLU A 60 -0.20 -19.92 -3.70
CA GLU A 60 0.37 -20.88 -4.65
C GLU A 60 1.75 -20.40 -5.12
N PHE A 61 1.86 -19.09 -5.39
CA PHE A 61 3.11 -18.48 -5.79
C PHE A 61 4.17 -18.53 -4.68
N HIS A 62 3.82 -18.01 -3.51
CA HIS A 62 4.79 -17.94 -2.42
C HIS A 62 5.31 -19.32 -2.03
N MET A 63 4.45 -20.32 -2.07
CA MET A 63 4.81 -21.64 -1.56
C MET A 63 5.52 -22.52 -2.59
N SER A 64 5.51 -22.10 -3.85
CA SER A 64 6.15 -22.87 -4.90
C SER A 64 7.44 -22.25 -5.47
N ILE A 65 7.61 -20.94 -5.30
CA ILE A 65 8.82 -20.30 -5.82
C ILE A 65 10.06 -20.83 -5.07
N THR A 66 11.13 -21.07 -5.83
CA THR A 66 12.32 -21.71 -5.30
C THR A 66 13.44 -20.69 -5.10
N PRO A 67 14.45 -21.04 -4.29
CA PRO A 67 15.59 -20.16 -4.08
C PRO A 67 16.23 -19.72 -5.39
N GLU A 68 16.36 -20.63 -6.35
CA GLU A 68 16.90 -20.28 -7.65
C GLU A 68 16.11 -19.14 -8.30
N GLU A 69 14.79 -19.28 -8.32
CA GLU A 69 13.93 -18.25 -8.92
C GLU A 69 14.01 -16.92 -8.19
N LYS A 70 14.15 -16.97 -6.88
CA LYS A 70 14.22 -15.73 -6.10
C LYS A 70 15.49 -14.93 -6.47
N TRP A 71 16.65 -15.59 -6.58
CA TRP A 71 17.83 -14.87 -7.04
C TRP A 71 17.60 -14.28 -8.43
N ASP A 72 16.97 -15.07 -9.30
CA ASP A 72 16.80 -14.67 -10.70
C ASP A 72 15.82 -13.49 -10.84
N LEU A 73 14.96 -13.29 -9.83
CA LEU A 73 14.00 -12.19 -9.80
C LEU A 73 14.38 -11.06 -8.84
N ALA A 74 15.52 -11.19 -8.16
CA ALA A 74 15.81 -10.34 -7.02
C ALA A 74 16.04 -8.89 -7.40
N ILE A 75 15.57 -7.98 -6.54
CA ILE A 75 15.94 -6.58 -6.67
C ILE A 75 17.43 -6.38 -6.39
N ARG A 76 17.92 -5.21 -6.76
CA ARG A 76 19.35 -4.93 -6.67
C ARG A 76 19.91 -4.95 -5.26
N ALA A 77 19.06 -4.74 -4.25
CA ALA A 77 19.52 -4.85 -2.87
C ALA A 77 20.03 -6.25 -2.54
N TYR A 78 19.55 -7.26 -3.26
CA TYR A 78 19.95 -8.66 -3.04
C TYR A 78 20.82 -9.21 -4.18
N ASN A 79 20.79 -8.60 -5.35
CA ASN A 79 21.47 -9.14 -6.51
C ASN A 79 22.06 -7.98 -7.30
N LYS A 80 23.36 -7.79 -7.18
CA LYS A 80 24.04 -6.68 -7.85
C LYS A 80 23.96 -6.70 -9.37
N GLU A 81 23.63 -7.85 -9.95
CA GLU A 81 23.49 -7.95 -11.42
C GLU A 81 22.26 -7.19 -11.93
N HIS A 82 21.32 -6.89 -11.04
CA HIS A 82 20.02 -6.37 -11.46
C HIS A 82 19.89 -4.89 -11.12
N GLN A 83 20.78 -4.09 -11.71
CA GLN A 83 20.86 -2.68 -11.35
C GLN A 83 19.61 -1.87 -11.68
N ASP A 84 18.81 -2.33 -12.64
CA ASP A 84 17.55 -1.65 -12.98
C ASP A 84 16.41 -1.96 -12.02
N GLN A 85 16.54 -2.99 -11.19
CA GLN A 85 15.47 -3.40 -10.28
C GLN A 85 15.65 -2.77 -8.90
N VAL A 86 15.12 -1.57 -8.74
CA VAL A 86 15.13 -0.91 -7.46
C VAL A 86 13.85 -1.30 -6.73
N ARG A 87 12.71 -1.20 -7.42
CA ARG A 87 11.37 -1.44 -6.86
C ARG A 87 10.81 -2.82 -7.17
N ALA A 88 10.86 -3.22 -8.44
CA ALA A 88 10.12 -4.39 -8.92
C ALA A 88 10.98 -5.64 -8.85
N GLY A 89 10.43 -6.69 -8.24
CA GLY A 89 11.08 -7.98 -8.17
C GLY A 89 10.96 -8.62 -6.81
N TYR A 90 11.84 -9.59 -6.54
CA TYR A 90 11.78 -10.35 -5.33
C TYR A 90 12.69 -9.77 -4.25
N TYR A 91 12.15 -9.75 -3.03
CA TYR A 91 12.81 -9.24 -1.84
C TYR A 91 12.99 -10.46 -0.94
N LEU A 92 14.22 -10.93 -0.84
CA LEU A 92 14.49 -12.23 -0.21
C LEU A 92 14.48 -12.17 1.30
N SER A 93 14.06 -13.27 1.91
CA SER A 93 14.30 -13.49 3.32
C SER A 93 15.76 -13.82 3.57
N ILE A 94 16.15 -13.72 4.82
CA ILE A 94 17.49 -14.12 5.24
C ILE A 94 17.31 -15.03 6.44
N PRO A 95 17.22 -16.36 6.21
CA PRO A 95 16.94 -17.25 7.34
C PRO A 95 17.89 -17.03 8.49
N GLY A 96 17.34 -17.04 9.70
CA GLY A 96 18.10 -16.70 10.89
C GLY A 96 18.15 -15.22 11.24
N LYS A 97 17.77 -14.35 10.29
CA LYS A 97 17.94 -12.88 10.44
C LYS A 97 16.71 -12.06 10.04
N LYS A 98 16.07 -12.43 8.94
CA LYS A 98 14.97 -11.67 8.36
C LYS A 98 13.94 -12.66 7.85
N ALA A 99 12.75 -12.58 8.41
CA ALA A 99 11.70 -13.56 8.13
C ALA A 99 10.92 -13.20 6.88
N VAL A 100 10.61 -11.92 6.74
CA VAL A 100 9.70 -11.50 5.71
C VAL A 100 10.36 -11.62 4.32
N GLU A 101 9.54 -11.95 3.33
CA GLU A 101 9.95 -11.90 1.94
C GLU A 101 8.76 -11.44 1.10
N SER A 102 9.02 -10.96 -0.11
CA SER A 102 7.95 -10.40 -0.90
C SER A 102 8.30 -10.27 -2.36
N PHE A 103 7.26 -10.01 -3.15
CA PHE A 103 7.39 -9.77 -4.57
C PHE A 103 6.62 -8.50 -4.90
N CYS A 104 7.30 -7.54 -5.52
CA CYS A 104 6.71 -6.27 -5.85
C CYS A 104 6.61 -6.13 -7.37
N TYR A 105 5.45 -5.65 -7.83
CA TYR A 105 5.30 -5.28 -9.21
C TYR A 105 4.57 -3.94 -9.37
N LEU A 106 4.83 -3.34 -10.52
CA LEU A 106 4.39 -2.02 -10.88
C LEU A 106 3.34 -2.06 -11.99
N ASN A 107 3.00 -0.90 -12.50
CA ASN A 107 2.09 -0.74 -13.63
C ASN A 107 2.47 -1.69 -14.77
N PRO A 108 1.56 -2.59 -15.15
CA PRO A 108 1.84 -3.46 -16.30
C PRO A 108 2.06 -2.70 -17.61
N ASN A 109 1.61 -1.46 -17.69
CA ASN A 109 1.84 -0.64 -18.87
C ASN A 109 3.26 -0.07 -18.98
N PHE A 110 4.08 -0.27 -17.95
CA PHE A 110 5.49 0.12 -18.02
C PHE A 110 6.20 -0.99 -18.78
N THR A 111 6.11 -0.90 -20.10
CA THR A 111 6.72 -1.82 -21.01
C THR A 111 8.02 -1.20 -21.55
N PRO A 112 8.87 -2.00 -22.21
CA PRO A 112 10.10 -1.44 -22.73
C PRO A 112 9.93 -0.20 -23.62
N ASP A 113 8.81 -0.10 -24.32
CA ASP A 113 8.53 1.03 -25.21
C ASP A 113 7.82 2.22 -24.53
N HIS A 114 7.50 2.11 -23.25
CA HIS A 114 6.83 3.20 -22.54
C HIS A 114 7.77 4.40 -22.48
N PRO A 115 7.25 5.61 -22.73
CA PRO A 115 8.14 6.78 -22.79
C PRO A 115 8.98 7.03 -21.53
N ARG A 116 8.43 6.71 -20.36
CA ARG A 116 9.17 6.88 -19.11
C ARG A 116 10.24 5.84 -18.90
N ILE A 117 10.02 4.64 -19.45
CA ILE A 117 11.02 3.58 -19.42
C ILE A 117 12.15 3.94 -20.40
N GLN A 118 11.78 4.41 -21.59
CA GLN A 118 12.78 4.88 -22.56
C GLN A 118 13.64 6.00 -21.98
N ALA A 119 13.01 6.93 -21.27
CA ALA A 119 13.74 8.05 -20.67
C ALA A 119 14.52 7.66 -19.40
N LYS A 120 14.30 6.45 -18.90
CA LYS A 120 14.92 5.96 -17.66
C LYS A 120 14.58 6.86 -16.46
N THR A 121 13.32 7.31 -16.42
CA THR A 121 12.86 8.16 -15.34
C THR A 121 12.83 7.38 -14.04
N PRO A 122 13.39 7.94 -12.96
CA PRO A 122 13.38 7.25 -11.67
C PRO A 122 11.99 6.78 -11.28
N THR A 123 11.93 5.64 -10.58
CA THR A 123 10.73 4.99 -10.04
C THR A 123 9.90 4.22 -11.08
N HIS A 124 10.25 4.33 -12.38
CA HIS A 124 9.61 3.53 -13.42
C HIS A 124 10.51 2.35 -13.78
N GLU A 125 9.93 1.16 -13.79
CA GLU A 125 10.64 -0.07 -14.15
C GLU A 125 9.71 -0.98 -14.88
N VAL A 126 10.30 -1.86 -15.69
CA VAL A 126 9.57 -2.94 -16.33
C VAL A 126 9.51 -4.11 -15.35
N ASN A 127 8.32 -4.62 -15.09
CA ASN A 127 8.16 -5.75 -14.17
C ASN A 127 8.95 -6.97 -14.60
N VAL A 128 9.40 -7.75 -13.61
CA VAL A 128 9.99 -9.05 -13.85
C VAL A 128 9.03 -10.11 -13.35
N TRP A 129 9.00 -11.25 -14.04
CA TRP A 129 8.06 -12.31 -13.74
C TRP A 129 8.76 -13.66 -13.75
N PRO A 130 8.27 -14.60 -12.94
CA PRO A 130 8.85 -15.94 -12.97
C PRO A 130 8.48 -16.62 -14.29
N ASP A 131 9.10 -17.76 -14.55
CA ASP A 131 8.82 -18.55 -15.73
C ASP A 131 7.35 -19.00 -15.73
N GLU A 132 6.68 -18.79 -16.86
CA GLU A 132 5.27 -19.17 -17.01
C GLU A 132 5.03 -20.65 -16.75
N THR A 133 5.93 -21.51 -17.23
CA THR A 133 5.76 -22.94 -17.04
C THR A 133 5.84 -23.36 -15.56
N LYS A 134 6.64 -22.64 -14.77
CA LYS A 134 6.77 -22.94 -13.35
C LYS A 134 5.62 -22.36 -12.54
N HIS A 135 5.05 -21.26 -13.06
CA HIS A 135 3.96 -20.56 -12.36
C HIS A 135 2.80 -20.26 -13.31
N PRO A 136 2.14 -21.30 -13.79
CA PRO A 136 1.15 -21.07 -14.83
C PRO A 136 0.04 -20.14 -14.36
N GLY A 137 -0.28 -19.16 -15.19
CA GLY A 137 -1.35 -18.23 -14.88
C GLY A 137 -0.99 -17.10 -13.92
N PHE A 138 0.18 -17.15 -13.31
CA PHE A 138 0.48 -16.19 -12.23
C PHE A 138 0.58 -14.75 -12.75
N GLN A 139 1.37 -14.53 -13.80
CA GLN A 139 1.55 -13.18 -14.32
C GLN A 139 0.20 -12.62 -14.75
N ASP A 140 -0.59 -13.41 -15.46
CA ASP A 140 -1.88 -12.95 -15.94
C ASP A 140 -2.80 -12.61 -14.77
N PHE A 141 -2.82 -13.48 -13.77
CA PHE A 141 -3.61 -13.19 -12.59
C PHE A 141 -3.16 -11.91 -11.90
N ALA A 142 -1.85 -11.77 -11.71
CA ALA A 142 -1.31 -10.62 -10.97
C ALA A 142 -1.56 -9.30 -11.72
N GLU A 143 -1.46 -9.34 -13.05
CA GLU A 143 -1.71 -8.13 -13.82
C GLU A 143 -3.20 -7.76 -13.76
N GLN A 144 -4.09 -8.74 -13.84
CA GLN A 144 -5.51 -8.48 -13.72
C GLN A 144 -5.83 -7.94 -12.31
N TYR A 145 -5.15 -8.48 -11.29
CA TYR A 145 -5.36 -7.98 -9.95
C TYR A 145 -4.99 -6.51 -9.86
N TYR A 146 -3.86 -6.13 -10.46
CA TYR A 146 -3.48 -4.73 -10.49
C TYR A 146 -4.65 -3.88 -10.96
N TRP A 147 -5.28 -4.28 -12.06
CA TRP A 147 -6.38 -3.50 -12.60
C TRP A 147 -7.64 -3.54 -11.74
N ASP A 148 -7.91 -4.67 -11.10
CA ASP A 148 -9.04 -4.76 -10.19
C ASP A 148 -8.86 -3.81 -9.00
N VAL A 149 -7.66 -3.82 -8.39
CA VAL A 149 -7.45 -2.96 -7.23
C VAL A 149 -7.26 -1.50 -7.66
N PHE A 150 -6.76 -1.27 -8.86
CA PHE A 150 -6.76 0.08 -9.45
C PHE A 150 -8.18 0.62 -9.51
N GLY A 151 -9.13 -0.20 -9.97
CA GLY A 151 -10.53 0.21 -10.07
C GLY A 151 -11.14 0.55 -8.71
N LEU A 152 -10.89 -0.29 -7.72
CA LEU A 152 -11.35 0.00 -6.38
C LEU A 152 -10.74 1.30 -5.89
N SER A 153 -9.45 1.48 -6.13
CA SER A 153 -8.75 2.65 -5.63
C SER A 153 -9.28 3.93 -6.27
N SER A 154 -9.61 3.87 -7.55
CA SER A 154 -10.20 5.01 -8.25
C SER A 154 -11.51 5.40 -7.59
N ALA A 155 -12.33 4.40 -7.26
CA ALA A 155 -13.60 4.65 -6.58
C ALA A 155 -13.36 5.28 -5.20
N LEU A 156 -12.39 4.74 -4.47
CA LEU A 156 -12.08 5.28 -3.15
C LEU A 156 -11.62 6.74 -3.27
N LEU A 157 -10.79 7.02 -4.29
CA LEU A 157 -10.31 8.38 -4.48
C LEU A 157 -11.45 9.35 -4.79
N LYS A 158 -12.52 8.89 -5.42
CA LYS A 158 -13.72 9.72 -5.61
C LYS A 158 -14.33 10.05 -4.26
N GLY A 159 -14.39 9.05 -3.38
CA GLY A 159 -14.88 9.29 -2.03
C GLY A 159 -14.05 10.28 -1.24
N TYR A 160 -12.73 10.16 -1.30
CA TYR A 160 -11.85 11.10 -0.60
C TYR A 160 -12.00 12.51 -1.15
N ALA A 161 -12.12 12.64 -2.48
CA ALA A 161 -12.28 13.96 -3.08
C ALA A 161 -13.57 14.61 -2.57
N LEU A 162 -14.67 13.87 -2.62
CA LEU A 162 -15.94 14.41 -2.14
C LEU A 162 -15.86 14.75 -0.67
N ALA A 163 -15.16 13.93 0.11
CA ALA A 163 -15.04 14.15 1.56
C ALA A 163 -14.35 15.48 1.87
N LEU A 164 -13.44 15.88 1.00
CA LEU A 164 -12.64 17.08 1.16
C LEU A 164 -13.28 18.32 0.52
N GLY A 165 -14.53 18.19 0.05
CA GLY A 165 -15.21 19.32 -0.55
C GLY A 165 -14.87 19.59 -2.01
N LYS A 166 -14.27 18.60 -2.67
CA LYS A 166 -13.86 18.74 -4.07
C LYS A 166 -14.82 17.95 -4.98
N GLU A 167 -14.65 18.15 -6.28
CA GLU A 167 -15.34 17.34 -7.28
C GLU A 167 -14.71 15.95 -7.27
N GLU A 168 -15.48 14.94 -7.68
CA GLU A 168 -15.07 13.56 -7.42
C GLU A 168 -13.83 13.14 -8.18
N ASN A 169 -13.47 13.84 -9.27
CA ASN A 169 -12.25 13.50 -10.03
C ASN A 169 -10.98 14.23 -9.57
N PHE A 170 -11.05 14.92 -8.43
CA PHE A 170 -9.94 15.74 -7.95
C PHE A 170 -8.61 14.99 -7.82
N PHE A 171 -8.66 13.79 -7.24
CA PHE A 171 -7.46 12.93 -7.19
C PHE A 171 -7.40 11.98 -8.40
N ALA A 172 -8.54 11.41 -8.74
CA ALA A 172 -8.61 10.35 -9.76
C ALA A 172 -8.12 10.80 -11.14
N ARG A 173 -8.25 12.08 -11.46
CA ARG A 173 -7.75 12.58 -12.75
C ARG A 173 -6.22 12.47 -12.89
N HIS A 174 -5.52 12.30 -11.75
CA HIS A 174 -4.06 12.13 -11.69
C HIS A 174 -3.65 10.67 -11.53
N PHE A 175 -4.64 9.78 -11.49
CA PHE A 175 -4.45 8.36 -11.24
C PHE A 175 -4.92 7.61 -12.49
N LYS A 176 -3.98 7.35 -13.39
CA LYS A 176 -4.29 6.95 -14.76
C LYS A 176 -3.57 5.66 -15.12
N PRO A 177 -4.26 4.77 -15.85
CA PRO A 177 -3.59 3.52 -16.21
C PRO A 177 -2.28 3.66 -16.95
N ASP A 178 -2.14 4.68 -17.78
CA ASP A 178 -0.94 4.80 -18.58
C ASP A 178 0.29 5.21 -17.80
N ASP A 179 0.11 5.85 -16.64
CA ASP A 179 1.29 6.38 -15.94
C ASP A 179 1.35 6.24 -14.42
N THR A 180 0.37 5.60 -13.79
CA THR A 180 0.42 5.50 -12.34
C THR A 180 1.67 4.78 -11.86
N LEU A 181 2.25 5.31 -10.79
CA LEU A 181 3.39 4.74 -10.11
C LEU A 181 2.97 3.77 -9.00
N ALA A 182 1.69 3.41 -8.96
CA ALA A 182 1.17 2.48 -7.95
C ALA A 182 1.88 1.13 -8.02
N SER A 183 2.00 0.49 -6.85
CA SER A 183 2.64 -0.81 -6.77
C SER A 183 1.76 -1.80 -5.98
N VAL A 184 1.88 -3.07 -6.34
CA VAL A 184 1.37 -4.17 -5.54
C VAL A 184 2.58 -4.84 -4.91
N VAL A 185 2.47 -5.19 -3.62
CA VAL A 185 3.48 -5.99 -2.97
C VAL A 185 2.80 -7.24 -2.40
N LEU A 186 3.31 -8.42 -2.77
CA LEU A 186 2.81 -9.68 -2.24
C LEU A 186 3.77 -10.13 -1.14
N ILE A 187 3.44 -9.81 0.12
CA ILE A 187 4.32 -10.08 1.24
C ILE A 187 3.94 -11.38 1.93
N ARG A 188 4.95 -12.23 2.11
CA ARG A 188 4.83 -13.43 2.90
C ARG A 188 5.47 -13.21 4.28
N TYR A 189 4.68 -13.38 5.32
CA TYR A 189 5.18 -13.45 6.68
C TYR A 189 5.08 -14.91 7.10
N PRO A 190 6.22 -15.56 7.34
CA PRO A 190 6.22 -16.99 7.62
C PRO A 190 5.97 -17.38 9.06
N TYR A 191 5.48 -18.61 9.21
CA TYR A 191 5.60 -19.32 10.49
C TYR A 191 7.01 -19.92 10.52
N LEU A 192 7.72 -19.71 11.62
CA LEU A 192 9.06 -20.28 11.81
C LEU A 192 9.19 -20.84 13.22
N ASP A 193 9.75 -22.04 13.32
CA ASP A 193 10.00 -22.69 14.59
C ASP A 193 11.40 -23.32 14.56
N PRO A 194 12.36 -22.70 15.28
CA PRO A 194 12.26 -21.51 16.09
C PRO A 194 12.23 -20.22 15.26
N TYR A 195 11.63 -19.17 15.81
CA TYR A 195 11.58 -17.88 15.12
C TYR A 195 12.82 -17.13 15.56
N PRO A 196 13.64 -16.69 14.60
CA PRO A 196 14.90 -16.05 15.02
C PRO A 196 14.67 -14.68 15.67
N GLU A 197 15.28 -14.49 16.84
CA GLU A 197 15.15 -13.23 17.56
C GLU A 197 15.66 -12.05 16.76
N ALA A 198 16.66 -12.28 15.91
CA ALA A 198 17.16 -11.22 15.06
C ALA A 198 16.10 -10.67 14.11
N ALA A 199 15.07 -11.46 13.80
CA ALA A 199 13.97 -11.02 12.93
C ALA A 199 12.84 -10.38 13.71
N ILE A 200 13.00 -10.26 15.03
CA ILE A 200 12.00 -9.64 15.89
C ILE A 200 12.57 -8.33 16.44
N LYS A 201 11.88 -7.23 16.17
CA LYS A 201 12.24 -5.93 16.70
C LYS A 201 11.44 -5.69 17.96
N THR A 202 11.89 -4.76 18.79
CA THR A 202 11.18 -4.45 20.03
C THR A 202 10.93 -2.94 20.10
N ALA A 203 9.66 -2.57 20.25
CA ALA A 203 9.26 -1.18 20.40
C ALA A 203 9.67 -0.63 21.75
N ALA A 204 9.67 0.69 21.88
CA ALA A 204 9.99 1.33 23.15
C ALA A 204 9.06 0.86 24.28
N ASP A 205 7.81 0.57 23.94
CA ASP A 205 6.84 0.09 24.93
C ASP A 205 6.90 -1.43 25.17
N GLY A 206 7.88 -2.13 24.57
CA GLY A 206 8.08 -3.55 24.81
C GLY A 206 7.41 -4.46 23.80
N THR A 207 6.58 -3.90 22.94
CA THR A 207 5.85 -4.70 21.97
C THR A 207 6.82 -5.28 20.94
N LYS A 208 6.70 -6.58 20.69
CA LYS A 208 7.50 -7.26 19.70
C LYS A 208 6.92 -6.96 18.32
N LEU A 209 7.78 -6.52 17.40
CA LEU A 209 7.39 -6.04 16.10
C LEU A 209 8.09 -6.78 14.96
N SER A 210 7.42 -6.83 13.82
CA SER A 210 8.09 -7.18 12.57
C SER A 210 8.50 -5.95 11.75
N PHE A 211 7.79 -4.83 11.92
CA PHE A 211 8.08 -3.61 11.17
C PHE A 211 7.71 -2.43 12.06
N GLU A 212 8.64 -1.48 12.17
CA GLU A 212 8.51 -0.37 13.11
C GLU A 212 7.52 0.69 12.64
N TRP A 213 7.29 1.65 13.53
CA TRP A 213 6.39 2.73 13.26
C TRP A 213 6.78 3.50 12.02
N HIS A 214 5.78 3.93 11.28
CA HIS A 214 6.02 4.72 10.07
C HIS A 214 4.71 5.33 9.63
N GLU A 215 4.84 6.31 8.73
CA GLU A 215 3.75 6.78 7.90
C GLU A 215 3.96 6.20 6.50
N ASP A 216 2.87 5.99 5.77
CA ASP A 216 2.99 5.41 4.44
C ASP A 216 3.47 6.42 3.42
N VAL A 217 4.27 5.91 2.48
CA VAL A 217 4.62 6.64 1.27
C VAL A 217 3.57 6.27 0.22
N SER A 218 2.53 7.07 0.15
CA SER A 218 1.41 6.86 -0.73
C SER A 218 0.49 8.06 -0.66
N LEU A 219 -0.45 8.10 -1.59
CA LEU A 219 -1.62 8.98 -1.43
C LEU A 219 -2.58 8.29 -0.46
N ILE A 220 -3.02 7.09 -0.83
CA ILE A 220 -3.70 6.17 0.07
C ILE A 220 -3.11 4.77 -0.12
N THR A 221 -3.36 3.91 0.86
CA THR A 221 -2.92 2.53 0.84
C THR A 221 -4.16 1.65 0.93
N VAL A 222 -4.21 0.62 0.09
CA VAL A 222 -5.41 -0.21 -0.09
C VAL A 222 -4.94 -1.66 0.15
N LEU A 223 -5.25 -2.20 1.33
CA LEU A 223 -4.55 -3.39 1.83
C LEU A 223 -5.44 -4.58 2.10
N TYR A 224 -5.06 -5.73 1.56
CA TYR A 224 -5.61 -7.01 1.97
C TYR A 224 -4.63 -7.71 2.88
N GLN A 225 -5.12 -8.26 3.99
CA GLN A 225 -4.33 -9.14 4.85
C GLN A 225 -5.12 -10.36 5.28
N SER A 226 -4.40 -11.45 5.53
CA SER A 226 -4.99 -12.62 6.20
C SER A 226 -5.67 -12.26 7.49
N ASN A 227 -6.46 -13.20 7.99
CA ASN A 227 -7.18 -13.03 9.24
C ASN A 227 -6.30 -13.36 10.45
N VAL A 228 -5.20 -12.62 10.58
CA VAL A 228 -4.32 -12.72 11.73
C VAL A 228 -4.03 -11.29 12.15
N GLN A 229 -4.46 -10.94 13.37
CA GLN A 229 -4.33 -9.58 13.85
C GLN A 229 -2.84 -9.24 14.00
N ASN A 230 -2.46 -8.06 13.49
CA ASN A 230 -1.05 -7.65 13.55
C ASN A 230 -0.81 -6.15 13.57
N LEU A 231 -1.68 -5.36 12.96
CA LEU A 231 -1.43 -3.94 12.83
C LEU A 231 -1.84 -3.16 14.07
N GLN A 232 -1.05 -2.13 14.37
CA GLN A 232 -1.41 -1.19 15.43
C GLN A 232 -1.29 0.23 14.91
N VAL A 233 -2.20 1.08 15.35
CA VAL A 233 -2.20 2.50 14.99
C VAL A 233 -1.97 3.34 16.24
N GLU A 234 -1.12 4.35 16.13
CA GLU A 234 -0.93 5.30 17.21
C GLU A 234 -2.07 6.31 17.21
N THR A 235 -2.74 6.41 18.36
CA THR A 235 -3.77 7.41 18.55
C THR A 235 -3.40 8.27 19.76
N ALA A 236 -4.26 9.24 20.09
CA ALA A 236 -4.04 10.07 21.28
C ALA A 236 -4.10 9.22 22.55
N ALA A 237 -4.78 8.08 22.48
CA ALA A 237 -4.85 7.13 23.59
C ALA A 237 -3.75 6.05 23.53
N GLY A 238 -2.74 6.23 22.68
CA GLY A 238 -1.65 5.27 22.55
C GLY A 238 -1.84 4.34 21.36
N TYR A 239 -0.97 3.35 21.22
CA TYR A 239 -1.11 2.35 20.15
C TYR A 239 -2.32 1.48 20.45
N GLN A 240 -3.15 1.30 19.43
CA GLN A 240 -4.35 0.48 19.52
C GLN A 240 -4.33 -0.57 18.41
N ASP A 241 -4.91 -1.74 18.70
CA ASP A 241 -4.92 -2.85 17.76
C ASP A 241 -5.97 -2.64 16.69
N ILE A 242 -5.56 -2.80 15.44
CA ILE A 242 -6.50 -2.83 14.33
C ILE A 242 -6.92 -4.26 14.12
N GLU A 243 -8.22 -4.53 14.22
CA GLU A 243 -8.70 -5.87 14.05
C GLU A 243 -8.53 -6.30 12.59
N ALA A 244 -8.27 -7.59 12.41
CA ALA A 244 -8.15 -8.17 11.08
C ALA A 244 -9.53 -8.34 10.48
N ASP A 245 -9.61 -8.29 9.16
CA ASP A 245 -10.83 -8.58 8.42
C ASP A 245 -10.38 -8.99 7.03
N ASP A 246 -10.30 -10.28 6.80
CA ASP A 246 -9.85 -10.81 5.51
C ASP A 246 -10.95 -10.83 4.44
N THR A 247 -12.07 -10.16 4.68
CA THR A 247 -13.08 -9.95 3.67
C THR A 247 -13.08 -8.52 3.12
N GLY A 248 -12.41 -7.60 3.83
CA GLY A 248 -12.40 -6.18 3.48
C GLY A 248 -11.02 -5.70 3.07
N TYR A 249 -10.95 -4.48 2.57
CA TYR A 249 -9.66 -3.82 2.36
C TYR A 249 -9.47 -2.78 3.46
N LEU A 250 -8.32 -2.82 4.10
CA LEU A 250 -7.97 -1.81 5.08
C LEU A 250 -7.40 -0.61 4.34
N ILE A 251 -8.00 0.56 4.58
CA ILE A 251 -7.64 1.78 3.88
C ILE A 251 -7.07 2.81 4.86
N ASN A 252 -6.00 3.49 4.47
CA ASN A 252 -5.50 4.65 5.19
C ASN A 252 -4.81 5.61 4.24
N CYS A 253 -4.63 6.84 4.71
CA CYS A 253 -3.90 7.86 3.95
C CYS A 253 -2.40 7.72 4.15
N GLY A 254 -1.65 8.11 3.12
CA GLY A 254 -0.22 8.24 3.23
C GLY A 254 0.18 9.71 3.30
N SER A 255 1.48 9.97 3.38
CA SER A 255 1.93 11.31 3.69
C SER A 255 1.72 12.30 2.55
N TYR A 256 1.49 11.82 1.33
CA TYR A 256 1.14 12.77 0.28
C TYR A 256 -0.25 13.38 0.53
N MET A 257 -1.19 12.57 1.02
CA MET A 257 -2.50 13.12 1.37
C MET A 257 -2.39 14.11 2.53
N ALA A 258 -1.54 13.79 3.51
CA ALA A 258 -1.35 14.70 4.65
C ALA A 258 -0.80 16.02 4.15
N HIS A 259 0.15 15.97 3.22
CA HIS A 259 0.70 17.18 2.64
C HIS A 259 -0.37 18.02 1.93
N LEU A 260 -1.11 17.39 1.03
CA LEU A 260 -2.12 18.08 0.24
C LEU A 260 -3.22 18.70 1.10
N THR A 261 -3.54 18.08 2.23
CA THR A 261 -4.66 18.54 3.06
C THR A 261 -4.18 19.34 4.28
N ASN A 262 -2.89 19.65 4.33
CA ASN A 262 -2.29 20.34 5.48
C ASN A 262 -2.57 19.61 6.79
N ASN A 263 -2.47 18.28 6.72
CA ASN A 263 -2.65 17.41 7.88
C ASN A 263 -4.09 17.34 8.41
N TYR A 264 -5.06 17.82 7.62
CA TYR A 264 -6.48 17.61 7.95
C TYR A 264 -6.77 16.11 7.93
N TYR A 265 -6.30 15.42 6.89
CA TYR A 265 -6.24 13.96 6.88
C TYR A 265 -4.79 13.56 7.09
N LYS A 266 -4.46 13.23 8.32
CA LYS A 266 -3.13 12.82 8.69
C LYS A 266 -2.79 11.47 8.03
N ALA A 267 -1.51 11.22 7.88
CA ALA A 267 -1.02 9.90 7.55
C ALA A 267 -0.82 9.21 8.91
N PRO A 268 -1.70 8.25 9.25
CA PRO A 268 -1.59 7.69 10.59
C PRO A 268 -0.30 6.92 10.76
N ILE A 269 0.30 7.05 11.95
CA ILE A 269 1.49 6.29 12.32
C ILE A 269 1.02 4.90 12.73
N HIS A 270 1.65 3.88 12.16
CA HIS A 270 1.26 2.51 12.46
C HIS A 270 2.48 1.60 12.38
N ARG A 271 2.32 0.41 12.93
CA ARG A 271 3.40 -0.56 13.00
C ARG A 271 2.83 -1.97 12.94
N VAL A 272 3.71 -2.92 12.68
CA VAL A 272 3.33 -4.31 12.48
C VAL A 272 3.89 -5.13 13.64
N LYS A 273 2.99 -5.70 14.43
CA LYS A 273 3.38 -6.61 15.50
C LYS A 273 3.97 -7.90 14.94
N TRP A 274 4.94 -8.44 15.68
CA TRP A 274 5.44 -9.77 15.43
C TRP A 274 4.37 -10.79 15.83
N VAL A 275 4.05 -11.69 14.91
CA VAL A 275 3.15 -12.80 15.18
C VAL A 275 3.77 -14.01 14.50
N ASN A 276 3.90 -15.13 15.22
CA ASN A 276 4.47 -16.30 14.59
C ASN A 276 3.38 -17.11 13.89
N ALA A 277 3.05 -16.67 12.69
CA ALA A 277 1.94 -17.22 11.92
C ALA A 277 2.26 -17.04 10.45
N GLU A 278 1.93 -18.05 9.66
CA GLU A 278 2.03 -17.99 8.22
C GLU A 278 0.89 -17.12 7.70
N ARG A 279 1.21 -15.97 7.11
CA ARG A 279 0.18 -15.06 6.71
C ARG A 279 0.61 -14.21 5.52
N GLN A 280 -0.35 -13.46 5.02
CA GLN A 280 -0.16 -12.61 3.85
C GLN A 280 -0.47 -11.16 4.16
N SER A 281 0.32 -10.27 3.57
CA SER A 281 0.06 -8.84 3.62
C SER A 281 0.24 -8.32 2.21
N LEU A 282 -0.85 -7.85 1.61
CA LEU A 282 -0.90 -7.56 0.16
C LEU A 282 -1.35 -6.11 -0.06
N PRO A 283 -0.44 -5.16 0.19
CA PRO A 283 -0.76 -3.76 -0.06
C PRO A 283 -0.73 -3.34 -1.53
N PHE A 284 -1.61 -2.42 -1.86
CA PHE A 284 -1.54 -1.65 -3.10
C PHE A 284 -1.34 -0.20 -2.67
N PHE A 285 -0.19 0.36 -3.06
CA PHE A 285 0.13 1.73 -2.75
C PHE A 285 -0.35 2.59 -3.88
N VAL A 286 -1.32 3.45 -3.58
CA VAL A 286 -1.92 4.32 -4.59
C VAL A 286 -1.02 5.54 -4.74
N ASN A 287 -0.27 5.51 -5.83
CA ASN A 287 0.66 6.56 -6.23
C ASN A 287 0.14 7.19 -7.51
N LEU A 288 0.39 8.47 -7.68
CA LEU A 288 -0.04 9.19 -8.86
C LEU A 288 1.03 9.07 -9.96
N GLY A 289 0.97 9.94 -10.96
CA GLY A 289 2.00 9.96 -11.99
C GLY A 289 3.23 10.72 -11.56
N TYR A 290 4.32 10.53 -12.27
CA TYR A 290 5.58 11.13 -11.89
C TYR A 290 5.51 12.66 -11.83
N ASP A 291 4.79 13.27 -12.76
CA ASP A 291 4.67 14.73 -12.84
C ASP A 291 3.40 15.28 -12.19
N SER A 292 2.59 14.41 -11.58
CA SER A 292 1.38 14.87 -10.94
C SER A 292 1.69 15.84 -9.79
N VAL A 293 1.04 17.00 -9.83
CA VAL A 293 1.15 17.97 -8.76
C VAL A 293 -0.27 18.41 -8.42
N ILE A 294 -0.64 18.25 -7.16
CA ILE A 294 -1.88 18.83 -6.67
C ILE A 294 -1.53 19.98 -5.75
N ASP A 295 -2.15 21.14 -5.96
CA ASP A 295 -1.88 22.32 -5.14
C ASP A 295 -2.39 22.03 -3.72
N PRO A 296 -1.50 22.15 -2.72
CA PRO A 296 -1.99 21.94 -1.35
C PRO A 296 -3.07 22.93 -0.93
N PHE A 297 -3.98 22.47 -0.08
CA PHE A 297 -5.09 23.27 0.40
C PHE A 297 -5.35 22.92 1.86
N ASP A 298 -6.31 23.59 2.49
CA ASP A 298 -6.63 23.34 3.88
C ASP A 298 -8.14 23.48 4.11
N PRO A 299 -8.87 22.33 4.21
CA PRO A 299 -10.34 22.33 4.43
C PRO A 299 -10.81 22.80 5.80
N ARG A 300 -9.88 23.19 6.68
CA ARG A 300 -10.25 23.82 7.95
C ARG A 300 -10.13 25.34 7.89
N GLU A 301 -9.58 25.89 6.79
CA GLU A 301 -9.39 27.33 6.65
C GLU A 301 -10.45 27.94 5.74
N PRO A 302 -11.09 29.05 6.17
CA PRO A 302 -12.13 29.66 5.34
C PRO A 302 -11.76 29.85 3.86
N ASN A 303 -10.55 30.34 3.57
CA ASN A 303 -10.14 30.55 2.16
C ASN A 303 -9.53 29.31 1.51
N GLY A 304 -9.43 28.20 2.24
CA GLY A 304 -8.88 26.96 1.71
C GLY A 304 -7.38 26.96 1.50
N LYS A 305 -6.69 28.04 1.86
CA LYS A 305 -5.27 28.18 1.51
C LYS A 305 -4.36 27.53 2.53
N SER A 306 -3.20 27.06 2.04
CA SER A 306 -2.22 26.37 2.85
C SER A 306 -0.86 27.02 2.67
N ASP A 307 -0.04 27.00 3.71
CA ASP A 307 1.35 27.50 3.60
C ASP A 307 2.35 26.40 3.25
N ARG A 308 1.87 25.38 2.55
CA ARG A 308 2.73 24.32 2.02
C ARG A 308 2.99 24.55 0.55
N GLU A 309 4.15 24.13 0.09
CA GLU A 309 4.49 24.27 -1.32
C GLU A 309 4.12 23.03 -2.13
N PRO A 310 3.73 23.22 -3.39
CA PRO A 310 3.44 22.10 -4.25
C PRO A 310 4.63 21.14 -4.38
N LEU A 311 4.33 19.86 -4.39
CA LEU A 311 5.34 18.82 -4.45
C LEU A 311 4.89 17.82 -5.52
N SER A 312 5.74 17.57 -6.52
CA SER A 312 5.39 16.60 -7.56
C SER A 312 5.42 15.21 -6.97
N TYR A 313 4.53 14.35 -7.47
CA TYR A 313 4.43 13.01 -6.89
C TYR A 313 5.73 12.21 -7.08
N GLY A 314 6.38 12.36 -8.23
CA GLY A 314 7.63 11.65 -8.48
C GLY A 314 8.74 11.99 -7.49
N ASP A 315 8.85 13.28 -7.16
CA ASP A 315 9.83 13.74 -6.17
C ASP A 315 9.49 13.14 -4.81
N TYR A 316 8.23 13.28 -4.44
CA TYR A 316 7.72 12.70 -3.20
C TYR A 316 8.06 11.21 -3.08
N LEU A 317 7.77 10.46 -4.15
CA LEU A 317 7.88 9.01 -4.08
C LEU A 317 9.35 8.57 -4.00
N GLN A 318 10.19 9.11 -4.88
CA GLN A 318 11.60 8.68 -4.91
C GLN A 318 12.23 8.93 -3.54
N ASN A 319 11.99 10.13 -3.00
CA ASN A 319 12.54 10.50 -1.70
C ASN A 319 11.95 9.66 -0.57
N GLY A 320 10.63 9.44 -0.60
CA GLY A 320 9.98 8.70 0.48
C GLY A 320 10.40 7.25 0.60
N LEU A 321 10.58 6.59 -0.53
CA LEU A 321 10.92 5.17 -0.51
C LEU A 321 12.32 4.96 0.03
N VAL A 322 13.25 5.84 -0.34
CA VAL A 322 14.60 5.82 0.22
C VAL A 322 14.59 6.07 1.72
N SER A 323 13.85 7.10 2.14
CA SER A 323 13.77 7.46 3.54
C SER A 323 13.20 6.33 4.40
N LEU A 324 12.18 5.64 3.88
CA LEU A 324 11.56 4.54 4.61
C LEU A 324 12.54 3.37 4.78
N ILE A 325 13.33 3.09 3.75
CA ILE A 325 14.39 2.06 3.85
C ILE A 325 15.44 2.46 4.89
N ASN A 326 15.84 3.72 4.87
CA ASN A 326 16.82 4.18 5.86
C ASN A 326 16.28 4.11 7.28
N LYS A 327 14.99 4.42 7.46
CA LYS A 327 14.40 4.44 8.80
C LYS A 327 14.14 3.03 9.33
N ASN A 328 13.49 2.20 8.52
CA ASN A 328 12.97 0.91 9.00
C ASN A 328 13.60 -0.31 8.38
N GLY A 329 14.60 -0.10 7.51
CA GLY A 329 15.38 -1.20 6.96
C GLY A 329 14.93 -1.65 5.59
N GLN A 330 15.85 -2.25 4.87
CA GLN A 330 15.54 -2.87 3.59
C GLN A 330 14.67 -4.10 3.81
N THR A 331 13.47 -4.09 3.23
CA THR A 331 12.54 -5.19 3.34
C THR A 331 12.86 -6.28 2.32
#